data_1K4W
#
_entry.id   1K4W
#
_cell.length_a   52.302
_cell.length_b   58.489
_cell.length_c   106.036
_cell.angle_alpha   90.00
_cell.angle_beta   90.00
_cell.angle_gamma   90.00
#
_symmetry.space_group_name_H-M   'P 21 21 21'
#
loop_
_entity.id
_entity.type
_entity.pdbx_description
1 polymer 'Nuclear receptor ROR-beta'
2 polymer 'steroid receptor coactivator-1'
3 non-polymer 'STEARIC ACID'
4 water water
#
loop_
_entity_poly.entity_id
_entity_poly.type
_entity_poly.pdbx_seq_one_letter_code
_entity_poly.pdbx_strand_id
1 'polypeptide(L)'
;GQLAPGITMSEIDRIAQNIIKSHLETCQYTMEELHQLAWQTHTYEEIKAYQSKSREALWQQCAIQITHAIQYVVEFAKRI
TGFMELCQNDQILLLKSGCLEVVLVRMCRAFNPLNNTVLFEGKYGGMQMFKALGSDDLVNEAFDFAKNLCSLQLTEEEIA
LFSSAVLISPDRAWLLEPRKVQKLQEKIYFALQHVIQKNHLDDETLAKLIAKIPTITAVCNLHGEKLQVFKQSHPDIVNT
LFPPLYKELFNP
;
A
2 'polypeptide(L)' RHKILHRLLQEGSPS B
#
loop_
_chem_comp.id
_chem_comp.type
_chem_comp.name
_chem_comp.formula
STE non-polymer 'STEARIC ACID' 'C18 H36 O2'
#
# COMPACT_ATOMS: atom_id res chain seq x y z
N THR A 8 27.52 9.31 -4.97
CA THR A 8 27.73 8.70 -6.32
C THR A 8 26.46 8.49 -7.17
N MET A 9 26.34 9.26 -8.26
CA MET A 9 25.19 9.15 -9.15
C MET A 9 25.00 7.70 -9.66
N SER A 10 26.10 6.98 -9.89
CA SER A 10 26.00 5.60 -10.36
C SER A 10 25.32 4.69 -9.34
N GLU A 11 25.60 4.90 -8.05
CA GLU A 11 24.95 4.08 -7.04
C GLU A 11 23.46 4.42 -7.01
N ILE A 12 23.14 5.71 -7.16
CA ILE A 12 21.74 6.11 -7.12
C ILE A 12 20.95 5.45 -8.24
N ASP A 13 21.56 5.35 -9.41
CA ASP A 13 20.92 4.74 -10.57
C ASP A 13 20.71 3.23 -10.40
N ARG A 14 21.68 2.55 -9.80
CA ARG A 14 21.57 1.11 -9.57
C ARG A 14 20.44 0.85 -8.56
N ILE A 15 20.32 1.72 -7.55
CA ILE A 15 19.29 1.56 -6.54
C ILE A 15 17.93 1.81 -7.20
N ALA A 16 17.85 2.84 -8.03
CA ALA A 16 16.61 3.16 -8.72
C ALA A 16 16.16 2.02 -9.63
N GLN A 17 17.06 1.50 -10.46
CA GLN A 17 16.69 0.42 -11.36
C GLN A 17 16.20 -0.83 -10.61
N ASN A 18 16.87 -1.14 -9.51
CA ASN A 18 16.53 -2.29 -8.68
C ASN A 18 15.11 -2.15 -8.12
N ILE A 19 14.80 -0.98 -7.56
CA ILE A 19 13.48 -0.75 -6.99
C ILE A 19 12.41 -0.72 -8.07
N ILE A 20 12.69 -0.03 -9.17
CA ILE A 20 11.74 0.04 -10.28
C ILE A 20 11.42 -1.38 -10.78
N LYS A 21 12.47 -2.18 -10.97
CA LYS A 21 12.30 -3.54 -11.46
C LYS A 21 11.51 -4.38 -10.44
N SER A 22 11.80 -4.21 -9.17
CA SER A 22 11.08 -4.97 -8.14
C SER A 22 9.59 -4.65 -8.18
N HIS A 23 9.28 -3.37 -8.33
CA HIS A 23 7.90 -2.91 -8.40
C HIS A 23 7.17 -3.56 -9.57
N LEU A 24 7.79 -3.51 -10.75
CA LEU A 24 7.18 -4.09 -11.93
C LEU A 24 6.93 -5.58 -11.81
N GLU A 25 7.80 -6.29 -11.09
CA GLU A 25 7.64 -7.73 -10.91
C GLU A 25 6.79 -8.11 -9.70
N THR A 26 6.37 -7.14 -8.89
CA THR A 26 5.60 -7.46 -7.69
C THR A 26 4.23 -6.80 -7.50
N CYS A 27 3.59 -6.39 -8.59
CA CYS A 27 2.25 -5.82 -8.50
C CYS A 27 1.30 -6.89 -8.99
N GLN A 28 0.10 -6.95 -8.42
CA GLN A 28 -0.87 -7.95 -8.85
C GLN A 28 -1.25 -7.71 -10.31
N TYR A 29 -1.39 -6.44 -10.66
CA TYR A 29 -1.78 -6.08 -12.00
C TYR A 29 -0.76 -5.12 -12.61
N THR A 30 -0.26 -5.45 -13.78
CA THR A 30 0.68 -4.57 -14.45
C THR A 30 -0.16 -3.37 -14.87
N MET A 31 0.52 -2.28 -15.21
CA MET A 31 -0.15 -1.06 -15.63
C MET A 31 -1.03 -1.30 -16.84
N GLU A 32 -0.62 -2.25 -17.68
CA GLU A 32 -1.39 -2.61 -18.88
C GLU A 32 -2.70 -3.29 -18.49
N GLU A 33 -2.62 -4.27 -17.62
CA GLU A 33 -3.78 -5.02 -17.17
C GLU A 33 -4.81 -4.10 -16.52
N LEU A 34 -4.35 -3.01 -15.92
CA LEU A 34 -5.20 -2.04 -15.25
C LEU A 34 -5.96 -1.17 -16.24
N HIS A 35 -5.30 -0.72 -17.31
CA HIS A 35 -5.95 0.10 -18.33
C HIS A 35 -7.14 -0.66 -18.91
N GLN A 36 -6.99 -1.98 -19.00
CA GLN A 36 -8.04 -2.85 -19.52
C GLN A 36 -9.10 -3.25 -18.48
N LEU A 37 -8.85 -2.94 -17.21
CA LEU A 37 -9.82 -3.25 -16.17
C LEU A 37 -10.61 -2.03 -15.73
N ALA A 38 -10.03 -0.85 -15.93
CA ALA A 38 -10.67 0.40 -15.52
C ALA A 38 -12.01 0.64 -16.19
N TRP A 39 -12.27 -0.02 -17.32
CA TRP A 39 -13.55 0.18 -17.99
C TRP A 39 -14.62 -0.75 -17.43
N GLN A 40 -14.18 -1.77 -16.70
CA GLN A 40 -15.09 -2.73 -16.08
C GLN A 40 -15.57 -2.20 -14.73
N THR A 41 -16.89 -2.06 -14.58
CA THR A 41 -17.44 -1.57 -13.32
C THR A 41 -18.56 -2.48 -12.80
N HIS A 42 -18.57 -2.70 -11.48
CA HIS A 42 -19.61 -3.53 -10.86
C HIS A 42 -20.97 -2.91 -11.19
N THR A 43 -21.92 -3.77 -11.54
CA THR A 43 -23.26 -3.32 -11.88
C THR A 43 -24.04 -2.86 -10.66
N TYR A 44 -25.22 -2.28 -10.88
CA TYR A 44 -26.08 -1.84 -9.79
C TYR A 44 -26.42 -3.03 -8.91
N GLU A 45 -26.65 -4.18 -9.56
CA GLU A 45 -26.99 -5.40 -8.84
C GLU A 45 -25.82 -5.83 -7.96
N GLU A 46 -24.63 -5.88 -8.56
CA GLU A 46 -23.43 -6.28 -7.83
C GLU A 46 -23.16 -5.35 -6.65
N ILE A 47 -23.34 -4.04 -6.87
CA ILE A 47 -23.13 -3.07 -5.79
C ILE A 47 -24.12 -3.35 -4.66
N LYS A 48 -25.35 -3.69 -5.04
CA LYS A 48 -26.38 -3.97 -4.03
C LYS A 48 -26.02 -5.21 -3.23
N ALA A 49 -25.48 -6.20 -3.92
CA ALA A 49 -25.09 -7.45 -3.28
C ALA A 49 -24.04 -7.16 -2.20
N TYR A 50 -23.07 -6.32 -2.55
CA TYR A 50 -22.02 -5.95 -1.61
C TYR A 50 -22.62 -5.22 -0.42
N GLN A 51 -23.62 -4.39 -0.68
CA GLN A 51 -24.26 -3.65 0.40
C GLN A 51 -25.16 -4.53 1.25
N SER A 52 -25.56 -5.67 0.70
CA SER A 52 -26.42 -6.59 1.44
C SER A 52 -25.61 -7.56 2.29
N LYS A 53 -24.29 -7.44 2.18
CA LYS A 53 -23.40 -8.29 2.96
C LYS A 53 -23.43 -7.91 4.42
N SER A 54 -23.18 -8.88 5.30
CA SER A 54 -23.14 -8.58 6.72
C SER A 54 -21.80 -7.89 6.91
N ARG A 55 -21.68 -7.13 7.99
CA ARG A 55 -20.46 -6.42 8.30
C ARG A 55 -19.27 -7.39 8.43
N GLU A 56 -19.50 -8.56 9.02
CA GLU A 56 -18.43 -9.56 9.18
C GLU A 56 -18.04 -10.15 7.83
N ALA A 57 -19.02 -10.39 6.96
CA ALA A 57 -18.76 -10.98 5.64
C ALA A 57 -17.87 -10.06 4.79
N LEU A 58 -18.23 -8.78 4.74
CA LEU A 58 -17.45 -7.84 3.95
C LEU A 58 -16.09 -7.59 4.59
N TRP A 59 -16.04 -7.52 5.91
CA TRP A 59 -14.75 -7.33 6.56
C TRP A 59 -13.83 -8.49 6.19
N GLN A 60 -14.38 -9.71 6.20
CA GLN A 60 -13.59 -10.87 5.81
C GLN A 60 -13.03 -10.72 4.38
N GLN A 61 -13.89 -10.31 3.46
CA GLN A 61 -13.49 -10.11 2.07
C GLN A 61 -12.39 -9.07 1.94
N CYS A 62 -12.56 -7.94 2.64
CA CYS A 62 -11.58 -6.87 2.60
C CYS A 62 -10.25 -7.29 3.23
N ALA A 63 -10.32 -8.04 4.32
CA ALA A 63 -9.10 -8.50 4.97
C ALA A 63 -8.32 -9.43 4.04
N ILE A 64 -9.04 -10.27 3.29
CA ILE A 64 -8.38 -11.17 2.35
C ILE A 64 -7.71 -10.39 1.24
N GLN A 65 -8.42 -9.41 0.69
CA GLN A 65 -7.85 -8.60 -0.37
C GLN A 65 -6.62 -7.81 0.12
N ILE A 66 -6.72 -7.21 1.29
CA ILE A 66 -5.62 -6.45 1.86
C ILE A 66 -4.43 -7.36 2.09
N THR A 67 -4.68 -8.55 2.63
CA THR A 67 -3.61 -9.50 2.89
C THR A 67 -2.93 -9.90 1.58
N HIS A 68 -3.74 -10.12 0.56
CA HIS A 68 -3.24 -10.49 -0.75
C HIS A 68 -2.30 -9.39 -1.24
N ALA A 69 -2.73 -8.14 -1.11
CA ALA A 69 -1.91 -7.00 -1.52
C ALA A 69 -0.65 -6.88 -0.66
N ILE A 70 -0.78 -7.15 0.64
CA ILE A 70 0.35 -7.08 1.54
C ILE A 70 1.41 -8.12 1.16
N GLN A 71 0.95 -9.30 0.79
CA GLN A 71 1.91 -10.33 0.39
C GLN A 71 2.77 -9.87 -0.79
N TYR A 72 2.18 -9.12 -1.72
CA TYR A 72 2.95 -8.61 -2.86
C TYR A 72 3.98 -7.57 -2.38
N VAL A 73 3.63 -6.80 -1.34
CA VAL A 73 4.55 -5.81 -0.81
C VAL A 73 5.76 -6.51 -0.16
N VAL A 74 5.53 -7.69 0.40
CA VAL A 74 6.63 -8.44 1.00
C VAL A 74 7.57 -8.87 -0.13
N GLU A 75 7.00 -9.35 -1.23
CA GLU A 75 7.78 -9.76 -2.40
C GLU A 75 8.54 -8.55 -2.94
N PHE A 76 7.89 -7.40 -2.89
CA PHE A 76 8.49 -6.16 -3.34
C PHE A 76 9.75 -5.87 -2.52
N ALA A 77 9.58 -5.87 -1.19
CA ALA A 77 10.69 -5.61 -0.28
C ALA A 77 11.84 -6.60 -0.46
N LYS A 78 11.51 -7.88 -0.56
CA LYS A 78 12.53 -8.92 -0.72
C LYS A 78 13.41 -8.76 -1.95
N ARG A 79 12.93 -8.03 -2.96
CA ARG A 79 13.72 -7.83 -4.16
C ARG A 79 14.54 -6.54 -4.15
N ILE A 80 14.36 -5.71 -3.12
CA ILE A 80 15.12 -4.48 -3.04
C ILE A 80 16.43 -4.79 -2.29
N THR A 81 17.52 -4.89 -3.05
CA THR A 81 18.82 -5.20 -2.47
C THR A 81 19.14 -4.47 -1.17
N GLY A 82 18.93 -3.16 -1.15
CA GLY A 82 19.22 -2.38 0.05
C GLY A 82 18.40 -2.76 1.26
N PHE A 83 17.17 -3.22 1.03
CA PHE A 83 16.27 -3.64 2.11
C PHE A 83 16.74 -4.96 2.73
N MET A 84 17.16 -5.89 1.88
CA MET A 84 17.60 -7.19 2.37
C MET A 84 18.96 -7.12 3.07
N GLU A 85 19.60 -5.97 3.01
CA GLU A 85 20.89 -5.78 3.65
C GLU A 85 20.73 -5.33 5.09
N LEU A 86 19.52 -4.89 5.44
CA LEU A 86 19.20 -4.45 6.79
C LEU A 86 19.11 -5.70 7.66
N CYS A 87 19.21 -5.55 8.98
CA CYS A 87 19.11 -6.74 9.83
C CYS A 87 17.68 -7.22 9.72
N GLN A 88 17.50 -8.54 9.75
CA GLN A 88 16.16 -9.11 9.62
C GLN A 88 15.19 -8.51 10.63
N ASN A 89 15.69 -8.08 11.77
CA ASN A 89 14.82 -7.48 12.75
C ASN A 89 14.18 -6.19 12.25
N ASP A 90 15.00 -5.36 11.60
CA ASP A 90 14.49 -4.09 11.07
C ASP A 90 13.67 -4.34 9.82
N GLN A 91 13.95 -5.45 9.13
CA GLN A 91 13.19 -5.79 7.94
C GLN A 91 11.76 -6.07 8.36
N ILE A 92 11.60 -6.82 9.45
CA ILE A 92 10.28 -7.19 9.96
C ILE A 92 9.57 -5.95 10.47
N LEU A 93 10.29 -5.12 11.21
CA LEU A 93 9.72 -3.90 11.76
C LEU A 93 9.24 -2.99 10.63
N LEU A 94 10.07 -2.84 9.60
CA LEU A 94 9.69 -1.99 8.49
C LEU A 94 8.46 -2.53 7.79
N LEU A 95 8.43 -3.84 7.54
CA LEU A 95 7.28 -4.44 6.89
C LEU A 95 5.99 -4.36 7.73
N LYS A 96 6.12 -4.70 9.01
CA LYS A 96 4.97 -4.67 9.91
C LYS A 96 4.36 -3.30 10.03
N SER A 97 5.19 -2.27 10.05
CA SER A 97 4.72 -0.90 10.18
C SER A 97 4.34 -0.22 8.86
N GLY A 98 4.91 -0.68 7.74
CA GLY A 98 4.62 -0.05 6.47
C GLY A 98 3.97 -0.83 5.35
N CYS A 99 3.74 -2.12 5.53
CA CYS A 99 3.13 -2.89 4.44
C CYS A 99 1.82 -2.25 3.99
N LEU A 100 0.94 -1.93 4.94
CA LEU A 100 -0.34 -1.33 4.59
C LEU A 100 -0.18 0.05 3.94
N GLU A 101 0.82 0.80 4.38
CA GLU A 101 1.07 2.12 3.82
C GLU A 101 1.48 1.97 2.35
N VAL A 102 2.27 0.94 2.06
CA VAL A 102 2.68 0.71 0.67
C VAL A 102 1.45 0.27 -0.15
N VAL A 103 0.61 -0.57 0.45
CA VAL A 103 -0.60 -1.03 -0.23
C VAL A 103 -1.46 0.19 -0.56
N LEU A 104 -1.58 1.09 0.41
CA LEU A 104 -2.39 2.29 0.23
C LEU A 104 -1.88 3.11 -0.94
N VAL A 105 -0.55 3.25 -1.05
CA VAL A 105 0.06 4.00 -2.13
C VAL A 105 -0.23 3.27 -3.45
N ARG A 106 -0.01 1.96 -3.44
CA ARG A 106 -0.27 1.16 -4.63
C ARG A 106 -1.71 1.19 -5.11
N MET A 107 -2.65 1.42 -4.19
CA MET A 107 -4.06 1.46 -4.55
C MET A 107 -4.38 2.56 -5.55
N CYS A 108 -3.60 3.63 -5.52
CA CYS A 108 -3.80 4.74 -6.42
C CYS A 108 -3.62 4.31 -7.87
N ARG A 109 -2.87 3.24 -8.07
CA ARG A 109 -2.64 2.69 -9.41
C ARG A 109 -3.95 2.15 -9.98
N ALA A 110 -4.79 1.63 -9.09
CA ALA A 110 -6.06 1.02 -9.46
C ALA A 110 -7.24 1.85 -9.00
N PHE A 111 -7.12 3.16 -9.13
CA PHE A 111 -8.18 4.07 -8.73
C PHE A 111 -8.51 4.95 -9.93
N ASN A 112 -9.80 5.23 -10.13
CA ASN A 112 -10.19 6.07 -11.25
C ASN A 112 -10.79 7.37 -10.72
N PRO A 113 -10.02 8.46 -10.77
CA PRO A 113 -10.43 9.78 -10.29
C PRO A 113 -11.57 10.42 -11.08
N LEU A 114 -11.80 9.91 -12.29
CA LEU A 114 -12.88 10.43 -13.12
C LEU A 114 -14.23 10.23 -12.42
N ASN A 115 -14.43 9.05 -11.83
CA ASN A 115 -15.66 8.73 -11.13
C ASN A 115 -15.47 8.31 -9.66
N ASN A 116 -14.25 8.44 -9.16
CA ASN A 116 -13.95 8.06 -7.77
C ASN A 116 -14.32 6.61 -7.50
N THR A 117 -13.76 5.69 -8.28
CA THR A 117 -14.01 4.27 -8.09
C THR A 117 -12.66 3.57 -7.95
N VAL A 118 -12.68 2.40 -7.33
CA VAL A 118 -11.47 1.63 -7.13
C VAL A 118 -11.70 0.18 -7.50
N LEU A 119 -10.64 -0.48 -7.93
CA LEU A 119 -10.70 -1.88 -8.30
C LEU A 119 -10.83 -2.73 -7.03
N PHE A 120 -11.87 -3.54 -6.99
CA PHE A 120 -12.12 -4.42 -5.84
C PHE A 120 -12.81 -5.69 -6.35
N GLU A 121 -12.13 -6.82 -6.20
CA GLU A 121 -12.65 -8.09 -6.66
C GLU A 121 -12.95 -8.11 -8.16
N GLY A 122 -12.03 -7.59 -8.97
CA GLY A 122 -12.20 -7.63 -10.42
C GLY A 122 -12.83 -6.50 -11.22
N LYS A 123 -13.55 -5.60 -10.57
CA LYS A 123 -14.17 -4.49 -11.31
C LYS A 123 -14.12 -3.24 -10.45
N TYR A 124 -14.33 -2.08 -11.07
CA TYR A 124 -14.31 -0.83 -10.31
C TYR A 124 -15.65 -0.54 -9.66
N GLY A 125 -15.59 -0.02 -8.43
CA GLY A 125 -16.80 0.30 -7.70
C GLY A 125 -16.58 1.52 -6.83
N GLY A 126 -17.65 2.28 -6.59
CA GLY A 126 -17.54 3.47 -5.76
C GLY A 126 -17.45 3.15 -4.28
N MET A 127 -17.34 4.20 -3.46
CA MET A 127 -17.24 4.01 -2.01
C MET A 127 -18.49 3.39 -1.38
N GLN A 128 -19.64 3.49 -2.04
CA GLN A 128 -20.88 2.92 -1.50
C GLN A 128 -20.78 1.39 -1.45
N MET A 129 -19.85 0.87 -2.25
CA MET A 129 -19.59 -0.56 -2.34
C MET A 129 -19.16 -1.11 -0.97
N PHE A 130 -18.60 -0.25 -0.12
CA PHE A 130 -18.13 -0.65 1.20
C PHE A 130 -19.05 -0.27 2.34
N LYS A 131 -20.28 0.08 2.02
CA LYS A 131 -21.26 0.48 3.02
C LYS A 131 -21.35 -0.47 4.21
N ALA A 132 -21.35 -1.76 3.95
CA ALA A 132 -21.46 -2.77 4.98
C ALA A 132 -20.34 -2.77 6.02
N LEU A 133 -19.19 -2.17 5.68
CA LEU A 133 -18.08 -2.10 6.62
C LEU A 133 -18.43 -1.23 7.83
N GLY A 134 -19.39 -0.34 7.65
CA GLY A 134 -19.78 0.55 8.73
C GLY A 134 -18.63 1.46 9.11
N SER A 135 -17.79 1.80 8.14
CA SER A 135 -16.64 2.67 8.39
C SER A 135 -16.43 3.63 7.22
N ASP A 136 -17.44 4.43 6.91
CA ASP A 136 -17.35 5.38 5.81
C ASP A 136 -16.21 6.37 6.01
N ASP A 137 -15.93 6.72 7.25
CA ASP A 137 -14.85 7.64 7.55
C ASP A 137 -13.53 7.09 7.02
N LEU A 138 -13.31 5.79 7.24
CA LEU A 138 -12.09 5.17 6.77
C LEU A 138 -12.10 5.10 5.24
N VAL A 139 -13.21 4.65 4.67
CA VAL A 139 -13.31 4.55 3.21
C VAL A 139 -13.11 5.92 2.55
N ASN A 140 -13.75 6.94 3.11
CA ASN A 140 -13.62 8.28 2.56
C ASN A 140 -12.21 8.83 2.65
N GLU A 141 -11.51 8.52 3.74
CA GLU A 141 -10.13 9.00 3.87
C GLU A 141 -9.23 8.27 2.89
N ALA A 142 -9.49 6.98 2.69
CA ALA A 142 -8.70 6.18 1.76
C ALA A 142 -8.91 6.73 0.33
N PHE A 143 -10.17 6.96 -0.04
CA PHE A 143 -10.49 7.48 -1.37
C PHE A 143 -9.94 8.89 -1.58
N ASP A 144 -10.03 9.73 -0.55
CA ASP A 144 -9.53 11.10 -0.70
C ASP A 144 -8.04 11.05 -0.96
N PHE A 145 -7.34 10.21 -0.21
CA PHE A 145 -5.91 10.09 -0.41
C PHE A 145 -5.59 9.67 -1.84
N ALA A 146 -6.25 8.60 -2.29
CA ALA A 146 -6.00 8.10 -3.63
C ALA A 146 -6.29 9.16 -4.67
N LYS A 147 -7.40 9.89 -4.51
CA LYS A 147 -7.74 10.93 -5.47
C LYS A 147 -6.63 11.97 -5.54
N ASN A 148 -6.22 12.50 -4.40
CA ASN A 148 -5.17 13.52 -4.38
C ASN A 148 -3.85 13.02 -4.96
N LEU A 149 -3.46 11.79 -4.66
CA LEU A 149 -2.20 11.28 -5.21
C LEU A 149 -2.34 11.15 -6.73
N CYS A 150 -3.46 10.61 -7.19
CA CYS A 150 -3.68 10.45 -8.62
C CYS A 150 -3.55 11.76 -9.38
N SER A 151 -3.94 12.86 -8.75
CA SER A 151 -3.87 14.17 -9.41
C SER A 151 -2.46 14.58 -9.78
N LEU A 152 -1.46 13.95 -9.18
CA LEU A 152 -0.07 14.28 -9.49
C LEU A 152 0.38 13.60 -10.77
N GLN A 153 -0.40 12.64 -11.24
CA GLN A 153 -0.09 11.92 -12.48
C GLN A 153 1.25 11.20 -12.46
N LEU A 154 1.55 10.51 -11.37
CA LEU A 154 2.81 9.79 -11.27
C LEU A 154 2.91 8.64 -12.26
N THR A 155 4.15 8.34 -12.65
CA THR A 155 4.44 7.23 -13.54
C THR A 155 4.76 6.06 -12.62
N GLU A 156 4.86 4.85 -13.19
CA GLU A 156 5.17 3.67 -12.40
C GLU A 156 6.52 3.75 -11.69
N GLU A 157 7.52 4.34 -12.35
CA GLU A 157 8.83 4.49 -11.75
C GLU A 157 8.77 5.35 -10.50
N GLU A 158 7.99 6.42 -10.57
CA GLU A 158 7.83 7.31 -9.43
C GLU A 158 7.05 6.64 -8.31
N ILE A 159 6.02 5.86 -8.66
CA ILE A 159 5.25 5.14 -7.65
C ILE A 159 6.12 4.07 -7.00
N ALA A 160 6.97 3.44 -7.81
CA ALA A 160 7.88 2.43 -7.32
C ALA A 160 8.81 3.05 -6.28
N LEU A 161 9.51 4.10 -6.68
CA LEU A 161 10.44 4.80 -5.79
C LEU A 161 9.77 5.40 -4.56
N PHE A 162 8.68 6.13 -4.75
CA PHE A 162 8.00 6.71 -3.60
C PHE A 162 7.50 5.64 -2.63
N SER A 163 6.92 4.57 -3.17
CA SER A 163 6.42 3.50 -2.30
C SER A 163 7.59 2.88 -1.53
N SER A 164 8.77 2.78 -2.16
CA SER A 164 9.92 2.22 -1.47
C SER A 164 10.36 3.17 -0.34
N ALA A 165 10.23 4.47 -0.54
CA ALA A 165 10.61 5.45 0.48
C ALA A 165 9.63 5.38 1.66
N VAL A 166 8.35 5.13 1.37
CA VAL A 166 7.35 5.01 2.42
C VAL A 166 7.66 3.78 3.27
N LEU A 167 8.12 2.70 2.63
CA LEU A 167 8.46 1.47 3.32
C LEU A 167 9.79 1.61 4.09
N ILE A 168 10.79 2.16 3.42
CA ILE A 168 12.11 2.34 4.01
C ILE A 168 12.16 3.66 4.79
N SER A 169 11.51 3.67 5.95
CA SER A 169 11.46 4.88 6.78
C SER A 169 12.34 4.73 8.01
N PRO A 170 13.34 5.61 8.16
CA PRO A 170 14.23 5.54 9.33
C PRO A 170 13.57 6.02 10.60
N ASP A 171 12.34 6.51 10.47
CA ASP A 171 11.60 7.03 11.60
C ASP A 171 10.73 6.02 12.36
N ARG A 172 10.60 4.78 11.86
CA ARG A 172 9.78 3.80 12.55
C ARG A 172 10.35 3.52 13.93
N ALA A 173 9.47 3.43 14.91
CA ALA A 173 9.89 3.16 16.28
C ALA A 173 10.47 1.75 16.39
N TRP A 174 11.41 1.57 17.30
CA TRP A 174 12.05 0.27 17.56
C TRP A 174 13.15 -0.20 16.60
N LEU A 175 13.42 0.55 15.53
CA LEU A 175 14.46 0.14 14.59
C LEU A 175 15.83 0.10 15.29
N LEU A 176 16.60 -0.96 15.04
CA LEU A 176 17.92 -1.12 15.65
C LEU A 176 19.02 -0.34 14.92
N GLU A 177 18.90 -0.21 13.61
CA GLU A 177 19.90 0.54 12.83
C GLU A 177 19.19 1.59 11.96
N PRO A 178 18.58 2.60 12.60
CA PRO A 178 17.88 3.65 11.85
C PRO A 178 18.74 4.47 10.89
N ARG A 179 20.03 4.57 11.18
CA ARG A 179 20.94 5.33 10.33
C ARG A 179 21.08 4.62 8.99
N LYS A 180 21.19 3.30 9.05
CA LYS A 180 21.34 2.47 7.87
C LYS A 180 20.10 2.65 7.00
N VAL A 181 18.94 2.68 7.64
CA VAL A 181 17.68 2.85 6.94
C VAL A 181 17.61 4.26 6.37
N GLN A 182 18.12 5.21 7.14
CA GLN A 182 18.11 6.61 6.71
C GLN A 182 18.97 6.85 5.48
N LYS A 183 20.15 6.23 5.45
CA LYS A 183 21.08 6.37 4.34
C LYS A 183 20.43 5.87 3.05
N LEU A 184 19.73 4.75 3.12
CA LEU A 184 19.07 4.20 1.92
C LEU A 184 17.88 5.08 1.49
N GLN A 185 17.06 5.50 2.44
CA GLN A 185 15.92 6.34 2.08
C GLN A 185 16.40 7.63 1.40
N GLU A 186 17.50 8.18 1.88
CA GLU A 186 18.06 9.39 1.30
C GLU A 186 18.39 9.17 -0.18
N LYS A 187 19.03 8.05 -0.47
CA LYS A 187 19.39 7.70 -1.84
C LYS A 187 18.15 7.48 -2.69
N ILE A 188 17.14 6.86 -2.11
CA ILE A 188 15.88 6.62 -2.80
C ILE A 188 15.25 7.95 -3.19
N TYR A 189 15.16 8.87 -2.25
CA TYR A 189 14.58 10.17 -2.53
C TYR A 189 15.40 10.92 -3.58
N PHE A 190 16.71 10.78 -3.50
CA PHE A 190 17.58 11.43 -4.48
C PHE A 190 17.21 10.90 -5.87
N ALA A 191 17.01 9.59 -5.94
CA ALA A 191 16.63 8.96 -7.19
C ALA A 191 15.27 9.48 -7.66
N LEU A 192 14.31 9.50 -6.74
CA LEU A 192 12.96 9.96 -7.07
C LEU A 192 12.99 11.39 -7.62
N GLN A 193 13.81 12.24 -7.00
CA GLN A 193 13.92 13.63 -7.42
C GLN A 193 14.42 13.76 -8.86
N HIS A 194 15.35 12.91 -9.27
CA HIS A 194 15.87 12.96 -10.64
C HIS A 194 14.85 12.39 -11.62
N VAL A 195 14.23 11.27 -11.26
CA VAL A 195 13.24 10.65 -12.14
C VAL A 195 12.03 11.56 -12.40
N ILE A 196 11.64 12.33 -11.40
CA ILE A 196 10.50 13.23 -11.53
C ILE A 196 10.73 14.29 -12.61
N GLN A 197 11.98 14.71 -12.76
CA GLN A 197 12.33 15.72 -13.77
C GLN A 197 12.06 15.28 -15.21
N LYS A 198 12.14 13.98 -15.47
CA LYS A 198 11.90 13.47 -16.83
C LYS A 198 10.45 13.73 -17.25
N ASN A 199 9.58 13.87 -16.25
CA ASN A 199 8.18 14.08 -16.53
C ASN A 199 7.74 15.47 -16.06
N HIS A 200 7.18 15.51 -14.86
CA HIS A 200 6.68 16.71 -14.21
C HIS A 200 7.58 17.93 -14.35
N LEU A 201 7.25 18.81 -15.30
CA LEU A 201 8.03 20.01 -15.51
C LEU A 201 7.61 20.93 -14.37
N ASP A 202 8.56 21.67 -13.81
CA ASP A 202 8.28 22.49 -12.64
C ASP A 202 7.80 21.38 -11.72
N ASP A 203 7.09 21.67 -10.65
CA ASP A 203 6.72 20.55 -9.79
C ASP A 203 6.12 20.87 -8.46
N GLU A 204 6.98 20.68 -7.46
CA GLU A 204 6.64 20.82 -6.05
C GLU A 204 6.33 19.34 -5.80
N THR A 205 6.34 18.56 -6.89
CA THR A 205 6.06 17.13 -6.84
C THR A 205 6.71 16.39 -5.67
N LEU A 206 8.04 16.29 -5.65
CA LEU A 206 8.69 15.58 -4.56
C LEU A 206 8.25 16.11 -3.21
N ALA A 207 8.15 17.43 -3.08
CA ALA A 207 7.72 18.04 -1.83
C ALA A 207 6.27 17.67 -1.50
N LYS A 208 5.39 17.66 -2.50
CA LYS A 208 3.99 17.32 -2.28
C LYS A 208 3.84 15.85 -1.90
N LEU A 209 4.73 15.02 -2.42
CA LEU A 209 4.70 13.59 -2.09
C LEU A 209 5.11 13.40 -0.64
N ILE A 210 6.25 13.97 -0.26
CA ILE A 210 6.75 13.85 1.11
C ILE A 210 5.75 14.39 2.14
N ALA A 211 5.04 15.45 1.77
CA ALA A 211 4.04 16.05 2.67
C ALA A 211 2.86 15.10 2.88
N LYS A 212 2.77 14.06 2.06
CA LYS A 212 1.67 13.10 2.18
C LYS A 212 1.97 11.94 3.14
N ILE A 213 3.23 11.80 3.54
CA ILE A 213 3.66 10.72 4.43
C ILE A 213 2.80 10.62 5.69
N PRO A 214 2.55 11.74 6.37
CA PRO A 214 1.73 11.69 7.58
C PRO A 214 0.27 11.27 7.33
N THR A 215 -0.27 11.69 6.20
CA THR A 215 -1.65 11.34 5.83
C THR A 215 -1.76 9.82 5.61
N ILE A 216 -0.76 9.27 4.93
CA ILE A 216 -0.71 7.84 4.66
C ILE A 216 -0.78 7.07 5.96
N THR A 217 0.07 7.45 6.91
CA THR A 217 0.08 6.79 8.20
C THR A 217 -1.23 6.98 8.94
N ALA A 218 -1.83 8.16 8.80
CA ALA A 218 -3.10 8.47 9.44
C ALA A 218 -4.19 7.50 8.99
N VAL A 219 -4.25 7.28 7.67
CA VAL A 219 -5.26 6.39 7.11
C VAL A 219 -5.07 4.96 7.63
N CYS A 220 -3.83 4.48 7.62
CA CYS A 220 -3.56 3.14 8.08
C CYS A 220 -3.81 2.95 9.58
N ASN A 221 -3.60 4.01 10.36
CA ASN A 221 -3.86 3.92 11.79
C ASN A 221 -5.38 3.83 11.99
N LEU A 222 -6.13 4.55 11.16
CA LEU A 222 -7.58 4.52 11.26
C LEU A 222 -8.06 3.10 10.96
N HIS A 223 -7.40 2.43 10.01
CA HIS A 223 -7.76 1.07 9.67
C HIS A 223 -7.57 0.21 10.93
N GLY A 224 -6.45 0.40 11.60
CA GLY A 224 -6.20 -0.35 12.81
C GLY A 224 -7.26 -0.08 13.86
N GLU A 225 -7.63 1.19 14.01
CA GLU A 225 -8.64 1.56 14.97
C GLU A 225 -9.96 0.84 14.70
N LYS A 226 -10.44 0.89 13.46
CA LYS A 226 -11.69 0.23 13.10
C LYS A 226 -11.64 -1.27 13.35
N LEU A 227 -10.48 -1.87 13.07
CA LEU A 227 -10.29 -3.30 13.27
C LEU A 227 -10.36 -3.68 14.74
N GLN A 228 -9.79 -2.87 15.62
CA GLN A 228 -9.81 -3.15 17.05
C GLN A 228 -11.23 -3.19 17.61
N VAL A 229 -12.11 -2.33 17.10
CA VAL A 229 -13.49 -2.32 17.54
C VAL A 229 -14.20 -3.50 16.88
N PHE A 230 -13.80 -3.80 15.64
CA PHE A 230 -14.41 -4.94 14.97
C PHE A 230 -14.12 -6.19 15.80
N LYS A 231 -12.88 -6.33 16.26
CA LYS A 231 -12.47 -7.48 17.06
C LYS A 231 -13.31 -7.59 18.33
N GLN A 232 -13.68 -6.45 18.92
CA GLN A 232 -14.50 -6.44 20.13
C GLN A 232 -15.84 -7.13 19.87
N SER A 233 -16.49 -6.73 18.79
CA SER A 233 -17.79 -7.26 18.39
C SER A 233 -17.77 -8.66 17.79
N HIS A 234 -16.69 -8.98 17.07
CA HIS A 234 -16.58 -10.28 16.43
C HIS A 234 -15.21 -10.91 16.64
N PRO A 235 -14.90 -11.34 17.87
CA PRO A 235 -13.60 -11.95 18.13
C PRO A 235 -13.36 -13.24 17.38
N ASP A 236 -14.38 -14.11 17.31
CA ASP A 236 -14.21 -15.40 16.63
C ASP A 236 -13.89 -15.26 15.14
N ILE A 237 -14.45 -14.24 14.49
CA ILE A 237 -14.20 -14.03 13.07
C ILE A 237 -12.73 -13.67 12.83
N VAL A 238 -12.20 -12.74 13.62
CA VAL A 238 -10.82 -12.31 13.48
C VAL A 238 -9.83 -13.44 13.80
N ASN A 239 -10.05 -14.14 14.91
CA ASN A 239 -9.12 -15.19 15.29
C ASN A 239 -9.17 -16.49 14.50
N THR A 240 -10.27 -16.75 13.79
CA THR A 240 -10.35 -18.01 13.06
C THR A 240 -10.77 -17.93 11.59
N LEU A 241 -11.08 -16.73 11.10
CA LEU A 241 -11.48 -16.60 9.71
C LEU A 241 -10.62 -15.63 8.91
N PHE A 242 -10.00 -14.69 9.60
CA PHE A 242 -9.14 -13.72 8.92
C PHE A 242 -7.81 -14.38 8.58
N PRO A 243 -7.19 -13.97 7.47
CA PRO A 243 -5.90 -14.56 7.09
C PRO A 243 -4.93 -14.43 8.26
N PRO A 244 -4.24 -15.53 8.62
CA PRO A 244 -3.29 -15.50 9.74
C PRO A 244 -2.30 -14.34 9.70
N LEU A 245 -1.85 -13.95 8.51
CA LEU A 245 -0.90 -12.83 8.40
C LEU A 245 -1.54 -11.50 8.77
N TYR A 246 -2.79 -11.35 8.37
CA TYR A 246 -3.53 -10.13 8.67
C TYR A 246 -3.69 -10.03 10.19
N LYS A 247 -3.98 -11.13 10.85
CA LYS A 247 -4.13 -11.14 12.30
C LYS A 247 -2.78 -10.82 12.96
N GLU A 248 -1.73 -11.46 12.45
CA GLU A 248 -0.38 -11.27 12.98
C GLU A 248 0.07 -9.81 12.90
N LEU A 249 -0.21 -9.18 11.77
CA LEU A 249 0.18 -7.80 11.54
C LEU A 249 -0.63 -6.72 12.26
N PHE A 250 -1.95 -6.90 12.33
CA PHE A 250 -2.82 -5.88 12.92
C PHE A 250 -3.53 -6.10 14.25
N ASN A 251 -3.55 -7.34 14.77
CA ASN A 251 -4.21 -7.56 16.05
C ASN A 251 -3.19 -7.88 17.12
N HIS B 2 6.36 -12.78 15.09
CA HIS B 2 5.92 -12.57 13.69
C HIS B 2 6.33 -13.77 12.85
N LYS B 3 5.84 -14.95 13.23
CA LYS B 3 6.19 -16.18 12.54
C LYS B 3 5.88 -16.21 11.05
N ILE B 4 4.67 -15.81 10.67
CA ILE B 4 4.30 -15.84 9.26
C ILE B 4 5.13 -14.88 8.43
N LEU B 5 5.24 -13.63 8.88
CA LEU B 5 6.00 -12.64 8.14
C LEU B 5 7.45 -13.14 8.02
N HIS B 6 7.94 -13.75 9.08
CA HIS B 6 9.32 -14.25 9.06
C HIS B 6 9.47 -15.36 8.01
N ARG B 7 8.47 -16.22 7.92
CA ARG B 7 8.52 -17.30 6.96
C ARG B 7 8.52 -16.80 5.52
N LEU B 8 7.68 -15.82 5.22
CA LEU B 8 7.59 -15.27 3.87
C LEU B 8 8.89 -14.61 3.40
N LEU B 9 9.58 -13.94 4.33
CA LEU B 9 10.84 -13.30 4.01
C LEU B 9 11.92 -14.34 3.73
N GLN B 10 11.83 -15.46 4.46
CA GLN B 10 12.79 -16.55 4.32
C GLN B 10 12.53 -17.44 3.11
N GLU B 11 11.39 -17.30 2.47
CA GLU B 11 11.08 -18.12 1.32
C GLU B 11 12.08 -17.90 0.17
C1 STE C . -5.48 -3.71 -3.52
O1 STE C . -4.34 -4.03 -3.80
O2 STE C . -6.48 -4.58 -3.60
C2 STE C . -5.84 -2.30 -3.05
C3 STE C . -6.78 -1.85 -1.91
C4 STE C . -7.01 -2.97 -0.87
C5 STE C . -7.92 -2.59 0.28
C6 STE C . -9.35 -3.19 0.22
C7 STE C . -10.30 -2.30 -0.63
C8 STE C . -10.61 -0.89 -0.06
C9 STE C . -11.57 -0.93 1.13
C10 STE C . -11.95 0.46 1.72
C11 STE C . -10.86 1.14 2.57
C12 STE C . -10.43 0.34 3.82
C13 STE C . -9.16 0.87 4.48
C14 STE C . -7.95 0.97 3.55
C15 STE C . -6.70 0.35 4.11
C16 STE C . -5.49 0.78 3.31
C17 STE C . -5.17 -0.16 2.14
C18 STE C . -5.42 0.46 0.76
#